data_7E92
#
_entry.id   7E92
#
_cell.length_a   35.315
_cell.length_b   51.758
_cell.length_c   97.224
_cell.angle_alpha   90.00
_cell.angle_beta   90.00
_cell.angle_gamma   90.00
#
_symmetry.space_group_name_H-M   'P 21 21 21'
#
loop_
_entity.id
_entity.type
_entity.pdbx_description
1 polymer 'DNA-binding response regulator'
2 water water
#
_entity_poly.entity_id   1
_entity_poly.type   'polypeptide(L)'
_entity_poly.pdbx_seq_one_letter_code
;GSAKDPSADQANADKVMTKDLEIDRATREVIFKGDLITLTRTEFDLLLFLASNLGRVFTRDELLDHVWGYNHFPTTRTVD
THVLQLRQKLPGLEIETLRGVGYKMKA
;
_entity_poly.pdbx_strand_id   A,B
#
# COMPACT_ATOMS: atom_id res chain seq x y z
N ALA A 13 29.67 -16.14 6.59
CA ALA A 13 29.31 -14.73 6.69
C ALA A 13 28.35 -14.33 5.59
N ASP A 14 28.33 -15.11 4.51
CA ASP A 14 27.37 -14.89 3.45
C ASP A 14 26.08 -15.65 3.68
N LYS A 15 26.00 -16.47 4.72
CA LYS A 15 24.89 -17.39 4.92
C LYS A 15 24.00 -16.94 6.06
N VAL A 16 22.68 -17.03 5.85
CA VAL A 16 21.69 -17.01 6.91
C VAL A 16 21.03 -18.38 6.91
N MET A 17 21.07 -19.07 8.04
CA MET A 17 20.56 -20.43 8.13
C MET A 17 19.45 -20.52 9.18
N THR A 18 18.29 -21.04 8.78
CA THR A 18 17.17 -21.30 9.68
C THR A 18 16.68 -22.71 9.41
N LYS A 19 15.68 -23.14 10.16
CA LYS A 19 15.15 -24.50 9.99
C LYS A 19 14.82 -24.76 8.52
N ASP A 20 15.49 -25.77 7.96
CA ASP A 20 15.35 -26.26 6.59
C ASP A 20 15.82 -25.27 5.54
N LEU A 21 16.48 -24.18 5.93
CA LEU A 21 16.70 -23.06 5.01
C LEU A 21 18.12 -22.53 5.11
N GLU A 22 18.79 -22.44 3.96
CA GLU A 22 20.10 -21.81 3.84
C GLU A 22 20.00 -20.72 2.78
N ILE A 23 20.34 -19.49 3.16
CA ILE A 23 20.28 -18.34 2.26
C ILE A 23 21.69 -17.77 2.16
N ASP A 24 22.17 -17.63 0.93
CA ASP A 24 23.45 -17.00 0.67
C ASP A 24 23.15 -15.60 0.14
N ARG A 25 23.50 -14.58 0.91
CA ARG A 25 23.18 -13.21 0.50
C ARG A 25 24.09 -12.69 -0.60
N ALA A 26 25.25 -13.32 -0.82
CA ALA A 26 26.17 -12.84 -1.85
C ALA A 26 25.82 -13.42 -3.22
N THR A 27 25.62 -14.73 -3.30
CA THR A 27 25.18 -15.33 -4.55
C THR A 27 23.68 -15.24 -4.76
N ARG A 28 22.93 -14.87 -3.72
CA ARG A 28 21.47 -14.80 -3.75
C ARG A 28 20.85 -16.15 -4.09
N GLU A 29 21.38 -17.21 -3.49
CA GLU A 29 20.87 -18.55 -3.67
C GLU A 29 20.15 -19.01 -2.42
N VAL A 30 19.09 -19.79 -2.62
CA VAL A 30 18.22 -20.28 -1.56
C VAL A 30 18.16 -21.79 -1.67
N ILE A 31 18.56 -22.50 -0.61
CA ILE A 31 18.43 -23.95 -0.52
C ILE A 31 17.43 -24.27 0.58
N PHE A 32 16.31 -24.89 0.21
CA PHE A 32 15.23 -25.22 1.13
C PHE A 32 14.98 -26.71 1.11
N LYS A 33 15.13 -27.36 2.26
CA LYS A 33 14.95 -28.81 2.35
C LYS A 33 15.76 -29.53 1.28
N GLY A 34 16.99 -29.08 1.07
CA GLY A 34 17.92 -29.77 0.19
C GLY A 34 17.77 -29.46 -1.28
N ASP A 35 16.89 -28.53 -1.66
CA ASP A 35 16.66 -28.17 -3.04
C ASP A 35 17.01 -26.70 -3.24
N LEU A 36 17.67 -26.40 -4.35
CA LEU A 36 17.89 -25.03 -4.76
C LEU A 36 16.60 -24.44 -5.31
N ILE A 37 16.19 -23.29 -4.76
CA ILE A 37 14.91 -22.67 -5.09
C ILE A 37 15.20 -21.36 -5.82
N THR A 38 14.57 -21.18 -6.97
CA THR A 38 14.72 -19.94 -7.73
C THR A 38 13.62 -18.96 -7.32
N LEU A 39 14.04 -17.82 -6.81
CA LEU A 39 13.13 -16.77 -6.41
C LEU A 39 13.38 -15.55 -7.29
N THR A 40 12.36 -14.70 -7.38
CA THR A 40 12.56 -13.36 -7.91
C THR A 40 13.35 -12.52 -6.91
N ARG A 41 13.86 -11.38 -7.38
CA ARG A 41 14.69 -10.53 -6.52
C ARG A 41 13.94 -10.09 -5.27
N THR A 42 12.67 -9.70 -5.42
CA THR A 42 11.89 -9.25 -4.26
C THR A 42 11.40 -10.41 -3.40
N GLU A 43 11.15 -11.58 -3.99
CA GLU A 43 10.88 -12.76 -3.16
C GLU A 43 12.08 -13.07 -2.28
N PHE A 44 13.28 -13.03 -2.88
CA PHE A 44 14.50 -13.26 -2.11
C PHE A 44 14.66 -12.24 -0.99
N ASP A 45 14.55 -10.95 -1.32
CA ASP A 45 14.76 -9.90 -0.32
C ASP A 45 13.76 -10.03 0.83
N LEU A 46 12.51 -10.39 0.52
CA LEU A 46 11.53 -10.60 1.57
C LEU A 46 11.91 -11.78 2.44
N LEU A 47 12.24 -12.92 1.83
CA LEU A 47 12.61 -14.11 2.59
C LEU A 47 13.82 -13.82 3.49
N LEU A 48 14.84 -13.17 2.94
CA LEU A 48 16.04 -12.89 3.70
C LEU A 48 15.74 -12.01 4.90
N PHE A 49 14.94 -10.96 4.70
CA PHE A 49 14.60 -10.06 5.79
C PHE A 49 13.88 -10.82 6.90
N LEU A 50 12.90 -11.64 6.53
CA LEU A 50 12.17 -12.41 7.53
C LEU A 50 13.07 -13.44 8.22
N ALA A 51 13.89 -14.16 7.44
CA ALA A 51 14.75 -15.18 8.03
C ALA A 51 15.82 -14.58 8.93
N SER A 52 16.19 -13.31 8.69
CA SER A 52 17.20 -12.64 9.50
C SER A 52 16.62 -12.07 10.78
N ASN A 53 15.31 -12.16 10.95
CA ASN A 53 14.61 -11.55 12.07
C ASN A 53 13.57 -12.54 12.58
N LEU A 54 14.03 -13.73 12.96
CA LEU A 54 13.12 -14.79 13.39
C LEU A 54 12.37 -14.37 14.65
N GLY A 55 11.09 -14.74 14.69
CA GLY A 55 10.27 -14.50 15.86
C GLY A 55 9.61 -13.14 15.92
N ARG A 56 9.88 -12.27 14.96
CA ARG A 56 9.45 -10.88 15.03
C ARG A 56 8.31 -10.63 14.03
N VAL A 57 7.25 -10.02 14.50
CA VAL A 57 6.10 -9.69 13.67
C VAL A 57 6.32 -8.35 12.98
N PHE A 58 6.12 -8.32 11.66
CA PHE A 58 6.19 -7.10 10.88
C PHE A 58 4.84 -6.84 10.23
N THR A 59 4.45 -5.57 10.16
CA THR A 59 3.25 -5.20 9.42
C THR A 59 3.54 -5.17 7.92
N ARG A 60 2.46 -5.11 7.14
CA ARG A 60 2.64 -5.11 5.69
C ARG A 60 3.35 -3.85 5.23
N ASP A 61 3.07 -2.70 5.85
CA ASP A 61 3.78 -1.53 5.33
C ASP A 61 5.23 -1.46 5.80
N GLU A 62 5.57 -2.05 6.96
CA GLU A 62 6.98 -2.21 7.31
C GLU A 62 7.72 -3.06 6.27
N LEU A 63 7.15 -4.22 5.93
CA LEU A 63 7.75 -5.10 4.94
C LEU A 63 7.83 -4.40 3.58
N LEU A 64 6.79 -3.64 3.23
CA LEU A 64 6.81 -2.88 1.99
C LEU A 64 8.00 -1.94 1.95
N ASP A 65 8.16 -1.14 3.01
CA ASP A 65 9.26 -0.18 3.04
C ASP A 65 10.61 -0.89 3.05
N HIS A 66 10.75 -1.92 3.86
CA HIS A 66 12.06 -2.54 4.00
C HIS A 66 12.47 -3.26 2.72
N VAL A 67 11.56 -4.02 2.13
CA VAL A 67 11.91 -4.89 1.02
C VAL A 67 11.90 -4.15 -0.31
N TRP A 68 10.89 -3.31 -0.54
CA TRP A 68 10.76 -2.62 -1.81
C TRP A 68 11.35 -1.20 -1.77
N GLY A 69 11.66 -0.67 -0.60
CA GLY A 69 12.33 0.62 -0.55
C GLY A 69 11.46 1.69 0.06
N TYR A 70 12.05 2.44 0.99
CA TYR A 70 11.31 3.47 1.71
C TYR A 70 11.25 4.74 0.87
N ASN A 71 10.04 5.30 0.73
CA ASN A 71 9.83 6.56 0.01
C ASN A 71 10.19 6.44 -1.48
N HIS A 72 9.99 5.25 -2.06
CA HIS A 72 10.27 5.02 -3.48
C HIS A 72 9.04 5.19 -4.37
N PHE A 73 7.84 5.16 -3.79
CA PHE A 73 6.62 5.17 -4.60
C PHE A 73 5.48 5.61 -3.69
N PRO A 74 4.32 5.95 -4.27
CA PRO A 74 3.19 6.35 -3.42
C PRO A 74 2.76 5.23 -2.49
N THR A 75 2.37 5.62 -1.27
CA THR A 75 1.88 4.70 -0.27
C THR A 75 0.62 5.25 0.38
N THR A 76 0.14 4.57 1.42
CA THR A 76 -0.99 5.08 2.19
C THR A 76 -0.66 6.43 2.82
N ARG A 77 0.62 6.69 3.11
CA ARG A 77 0.97 8.01 3.62
C ARG A 77 0.72 9.09 2.57
N THR A 78 0.99 8.77 1.30
CA THR A 78 0.68 9.72 0.23
C THR A 78 -0.81 10.04 0.18
N VAL A 79 -1.66 9.05 0.49
CA VAL A 79 -3.10 9.31 0.56
C VAL A 79 -3.41 10.31 1.67
N ASP A 80 -2.82 10.10 2.85
CA ASP A 80 -3.02 11.00 3.98
C ASP A 80 -2.63 12.42 3.61
N THR A 81 -1.45 12.56 3.00
CA THR A 81 -0.94 13.87 2.65
C THR A 81 -1.84 14.55 1.61
N HIS A 82 -2.36 13.77 0.66
CA HIS A 82 -3.28 14.33 -0.34
C HIS A 82 -4.58 14.80 0.29
N VAL A 83 -5.07 14.09 1.31
CA VAL A 83 -6.28 14.56 1.99
C VAL A 83 -6.02 15.89 2.67
N LEU A 84 -4.87 16.04 3.34
CA LEU A 84 -4.52 17.31 3.93
C LEU A 84 -4.44 18.41 2.87
N GLN A 85 -3.85 18.10 1.71
CA GLN A 85 -3.75 19.10 0.65
C GLN A 85 -5.13 19.53 0.16
N LEU A 86 -6.05 18.57 0.00
CA LEU A 86 -7.41 18.92 -0.40
C LEU A 86 -8.06 19.83 0.63
N ARG A 87 -7.94 19.49 1.91
CA ARG A 87 -8.55 20.33 2.95
C ARG A 87 -7.95 21.73 2.97
N GLN A 88 -6.67 21.88 2.62
CA GLN A 88 -6.09 23.23 2.60
C GLN A 88 -6.58 24.01 1.39
N LYS A 89 -6.65 23.37 0.23
CA LYS A 89 -7.04 24.06 -0.99
C LYS A 89 -8.54 24.32 -1.02
N LEU A 90 -9.32 23.55 -0.27
CA LEU A 90 -10.78 23.64 -0.25
C LEU A 90 -11.18 23.86 1.21
N PRO A 91 -10.99 25.08 1.73
CA PRO A 91 -11.22 25.32 3.17
C PRO A 91 -12.66 25.05 3.57
N GLY A 92 -12.83 24.13 4.51
CA GLY A 92 -14.14 23.70 4.94
C GLY A 92 -14.66 22.46 4.26
N LEU A 93 -13.88 21.86 3.35
CA LEU A 93 -14.27 20.60 2.72
C LEU A 93 -14.53 19.54 3.77
N GLU A 94 -15.67 18.85 3.63
CA GLU A 94 -16.10 17.89 4.65
C GLU A 94 -15.63 16.48 4.29
N ILE A 95 -14.31 16.29 4.42
CA ILE A 95 -13.73 14.95 4.43
C ILE A 95 -13.52 14.56 5.88
N GLU A 96 -14.13 13.45 6.30
CA GLU A 96 -13.95 12.92 7.64
C GLU A 96 -12.79 11.92 7.64
N THR A 97 -11.92 12.05 8.64
CA THR A 97 -10.83 11.12 8.86
C THR A 97 -11.27 10.08 9.86
N LEU A 98 -11.22 8.81 9.46
CA LEU A 98 -11.51 7.69 10.35
C LEU A 98 -10.18 7.13 10.83
N ARG A 99 -9.87 7.37 12.11
CA ARG A 99 -8.55 7.14 12.67
C ARG A 99 -7.98 5.78 12.28
N GLY A 100 -6.83 5.81 11.61
CA GLY A 100 -6.12 4.60 11.26
C GLY A 100 -6.87 3.66 10.34
N VAL A 101 -7.85 4.16 9.62
CA VAL A 101 -8.68 3.31 8.77
C VAL A 101 -8.75 3.89 7.37
N GLY A 102 -9.33 5.09 7.26
CA GLY A 102 -9.50 5.71 5.95
C GLY A 102 -10.31 6.98 6.02
N TYR A 103 -11.01 7.30 4.93
CA TYR A 103 -11.64 8.60 4.78
C TYR A 103 -13.04 8.45 4.20
N LYS A 104 -13.84 9.49 4.40
CA LYS A 104 -15.19 9.54 3.88
C LYS A 104 -15.52 11.00 3.62
N MET A 105 -16.19 11.26 2.50
CA MET A 105 -16.79 12.58 2.29
C MET A 105 -18.25 12.49 2.70
N LYS A 106 -18.63 13.33 3.67
CA LYS A 106 -19.95 13.18 4.28
C LYS A 106 -21.06 13.63 3.34
N ALA A 107 -20.91 14.81 2.73
CA ALA A 107 -21.96 15.34 1.86
C ALA A 107 -21.40 16.34 0.85
N ASP B 14 -22.28 13.80 -16.05
CA ASP B 14 -21.18 14.61 -16.57
C ASP B 14 -20.53 15.43 -15.45
N LYS B 15 -21.36 16.13 -14.67
CA LYS B 15 -20.90 16.94 -13.55
C LYS B 15 -21.30 16.28 -12.25
N VAL B 16 -20.35 16.14 -11.33
CA VAL B 16 -20.62 15.61 -10.00
C VAL B 16 -20.87 16.78 -9.07
N MET B 17 -21.96 16.73 -8.31
CA MET B 17 -22.36 17.81 -7.41
C MET B 17 -22.44 17.30 -5.99
N THR B 18 -21.83 18.03 -5.07
CA THR B 18 -21.99 17.81 -3.64
C THR B 18 -22.47 19.12 -3.02
N LYS B 19 -22.56 19.15 -1.68
CA LYS B 19 -22.95 20.38 -1.01
C LYS B 19 -22.06 21.53 -1.44
N ASP B 20 -20.75 21.31 -1.45
CA ASP B 20 -19.80 22.38 -1.70
C ASP B 20 -19.19 22.35 -3.10
N LEU B 21 -19.35 21.27 -3.86
CA LEU B 21 -18.52 21.05 -5.03
C LEU B 21 -19.34 20.90 -6.30
N GLU B 22 -18.75 21.39 -7.40
CA GLU B 22 -19.25 21.18 -8.74
C GLU B 22 -18.05 20.72 -9.54
N ILE B 23 -18.02 19.44 -9.90
CA ILE B 23 -16.83 18.83 -10.49
C ILE B 23 -17.15 18.36 -11.90
N ASP B 24 -16.28 18.67 -12.85
CA ASP B 24 -16.44 18.24 -14.24
C ASP B 24 -15.37 17.21 -14.55
N ARG B 25 -15.77 15.94 -14.67
CA ARG B 25 -14.82 14.87 -14.95
C ARG B 25 -14.13 15.05 -16.30
N ALA B 26 -14.75 15.76 -17.25
CA ALA B 26 -14.20 15.87 -18.58
C ALA B 26 -13.05 16.85 -18.66
N THR B 27 -13.00 17.82 -17.75
CA THR B 27 -12.09 18.95 -17.89
C THR B 27 -11.20 19.14 -16.68
N ARG B 28 -11.30 18.30 -15.65
CA ARG B 28 -10.56 18.43 -14.40
C ARG B 28 -10.93 19.71 -13.66
N GLU B 29 -12.12 20.25 -13.93
CA GLU B 29 -12.55 21.52 -13.36
C GLU B 29 -13.21 21.30 -12.02
N VAL B 30 -12.86 22.12 -11.04
CA VAL B 30 -13.44 22.04 -9.70
C VAL B 30 -13.93 23.43 -9.28
N ILE B 31 -15.22 23.54 -8.98
CA ILE B 31 -15.78 24.76 -8.39
C ILE B 31 -16.18 24.43 -6.96
N PHE B 32 -15.62 25.17 -6.00
CA PHE B 32 -15.84 24.93 -4.58
C PHE B 32 -16.40 26.18 -3.94
N LYS B 33 -17.64 26.09 -3.44
CA LYS B 33 -18.33 27.23 -2.84
C LYS B 33 -18.26 28.45 -3.75
N GLY B 34 -18.39 28.21 -5.06
CA GLY B 34 -18.41 29.26 -6.05
C GLY B 34 -17.08 29.62 -6.67
N ASP B 35 -15.96 29.16 -6.09
CA ASP B 35 -14.63 29.54 -6.54
C ASP B 35 -13.99 28.42 -7.36
N LEU B 36 -13.38 28.79 -8.48
CA LEU B 36 -12.63 27.83 -9.29
C LEU B 36 -11.30 27.53 -8.62
N ILE B 37 -11.08 26.27 -8.24
CA ILE B 37 -9.89 25.87 -7.51
C ILE B 37 -9.06 24.94 -8.38
N THR B 38 -7.75 25.22 -8.49
CA THR B 38 -6.85 24.37 -9.25
C THR B 38 -6.30 23.27 -8.35
N LEU B 39 -6.53 22.04 -8.75
CA LEU B 39 -5.94 20.89 -8.08
C LEU B 39 -4.95 20.22 -9.02
N THR B 40 -4.01 19.49 -8.44
CA THR B 40 -3.18 18.61 -9.25
C THR B 40 -4.04 17.45 -9.76
N ARG B 41 -3.48 16.68 -10.69
CA ARG B 41 -4.25 15.59 -11.27
C ARG B 41 -4.59 14.54 -10.23
N THR B 42 -3.64 14.24 -9.32
CA THR B 42 -3.93 13.22 -8.31
C THR B 42 -4.82 13.77 -7.20
N GLU B 43 -4.66 15.06 -6.84
CA GLU B 43 -5.62 15.69 -5.94
C GLU B 43 -7.04 15.63 -6.51
N PHE B 44 -7.17 15.97 -7.80
CA PHE B 44 -8.46 15.89 -8.47
C PHE B 44 -9.03 14.48 -8.41
N ASP B 45 -8.21 13.48 -8.75
CA ASP B 45 -8.72 12.10 -8.78
C ASP B 45 -9.23 11.69 -7.42
N LEU B 46 -8.50 12.06 -6.36
CA LEU B 46 -8.95 11.71 -5.02
C LEU B 46 -10.25 12.40 -4.68
N LEU B 47 -10.34 13.71 -4.96
CA LEU B 47 -11.56 14.47 -4.68
C LEU B 47 -12.75 13.89 -5.42
N LEU B 48 -12.60 13.64 -6.72
CA LEU B 48 -13.71 13.12 -7.51
C LEU B 48 -14.13 11.74 -7.03
N PHE B 49 -13.19 10.90 -6.65
CA PHE B 49 -13.57 9.57 -6.19
C PHE B 49 -14.41 9.65 -4.91
N LEU B 50 -13.98 10.47 -3.95
CA LEU B 50 -14.76 10.61 -2.72
C LEU B 50 -16.11 11.27 -3.00
N ALA B 51 -16.12 12.30 -3.85
CA ALA B 51 -17.35 13.03 -4.13
C ALA B 51 -18.37 12.19 -4.89
N SER B 52 -17.90 11.21 -5.67
CA SER B 52 -18.76 10.30 -6.39
C SER B 52 -19.26 9.16 -5.50
N ASN B 53 -18.78 9.09 -4.27
CA ASN B 53 -19.10 7.99 -3.37
C ASN B 53 -19.42 8.53 -1.98
N LEU B 54 -20.36 9.46 -1.91
CA LEU B 54 -20.69 10.13 -0.66
C LEU B 54 -21.22 9.15 0.40
N GLY B 55 -20.80 9.38 1.64
CA GLY B 55 -21.25 8.60 2.78
C GLY B 55 -20.54 7.28 2.95
N ARG B 56 -19.60 6.95 2.07
CA ARG B 56 -18.94 5.66 2.09
C ARG B 56 -17.51 5.82 2.57
N VAL B 57 -17.11 4.96 3.50
CA VAL B 57 -15.75 4.95 4.03
C VAL B 57 -14.86 4.10 3.13
N PHE B 58 -13.73 4.65 2.73
CA PHE B 58 -12.72 3.92 1.98
C PHE B 58 -11.45 3.84 2.81
N THR B 59 -10.82 2.67 2.81
CA THR B 59 -9.55 2.55 3.51
C THR B 59 -8.46 3.28 2.74
N ARG B 60 -7.34 3.54 3.43
CA ARG B 60 -6.22 4.18 2.76
C ARG B 60 -5.70 3.30 1.62
N ASP B 61 -5.69 1.98 1.83
CA ASP B 61 -5.30 1.07 0.76
C ASP B 61 -6.20 1.22 -0.46
N GLU B 62 -7.52 1.26 -0.24
CA GLU B 62 -8.46 1.36 -1.37
C GLU B 62 -8.27 2.66 -2.13
N LEU B 63 -8.14 3.78 -1.40
CA LEU B 63 -7.98 5.07 -2.07
C LEU B 63 -6.68 5.13 -2.85
N LEU B 64 -5.61 4.54 -2.31
CA LEU B 64 -4.35 4.50 -3.05
C LEU B 64 -4.55 3.84 -4.40
N ASP B 65 -5.26 2.70 -4.41
CA ASP B 65 -5.50 1.97 -5.65
C ASP B 65 -6.38 2.77 -6.62
N HIS B 66 -7.42 3.41 -6.11
CA HIS B 66 -8.36 4.07 -7.02
C HIS B 66 -7.83 5.40 -7.54
N VAL B 67 -6.95 6.05 -6.80
CA VAL B 67 -6.42 7.35 -7.23
C VAL B 67 -5.22 7.16 -8.14
N TRP B 68 -4.22 6.39 -7.70
CA TRP B 68 -3.01 6.20 -8.47
C TRP B 68 -3.13 5.08 -9.48
N GLY B 69 -4.17 4.25 -9.40
CA GLY B 69 -4.35 3.16 -10.33
C GLY B 69 -3.70 1.88 -9.82
N TYR B 70 -4.08 0.78 -10.47
CA TYR B 70 -3.62 -0.52 -10.05
C TYR B 70 -2.31 -0.88 -10.76
N ASN B 71 -1.43 -1.58 -10.03
CA ASN B 71 -0.28 -2.27 -10.61
C ASN B 71 0.75 -1.34 -11.23
N HIS B 72 0.87 -0.14 -10.69
CA HIS B 72 1.94 0.75 -11.12
C HIS B 72 3.14 0.73 -10.19
N PHE B 73 2.95 0.24 -8.96
CA PHE B 73 4.00 0.19 -7.95
C PHE B 73 3.57 -0.81 -6.88
N PRO B 74 4.48 -1.24 -6.01
CA PRO B 74 4.10 -2.18 -4.95
C PRO B 74 3.16 -1.55 -3.93
N THR B 75 2.25 -2.38 -3.42
CA THR B 75 1.32 -2.00 -2.36
C THR B 75 1.35 -3.05 -1.26
N THR B 76 0.57 -2.82 -0.19
CA THR B 76 0.49 -3.82 0.86
C THR B 76 -0.07 -5.15 0.33
N ARG B 77 -0.90 -5.10 -0.72
CA ARG B 77 -1.31 -6.35 -1.38
C ARG B 77 -0.11 -7.12 -1.92
N THR B 78 0.87 -6.41 -2.46
CA THR B 78 2.05 -7.08 -3.03
C THR B 78 2.78 -7.89 -1.96
N VAL B 79 2.83 -7.37 -0.74
CA VAL B 79 3.42 -8.10 0.38
C VAL B 79 2.69 -9.43 0.58
N ASP B 80 1.36 -9.38 0.64
CA ASP B 80 0.57 -10.59 0.86
C ASP B 80 0.80 -11.61 -0.25
N THR B 81 0.79 -11.17 -1.51
CA THR B 81 0.94 -12.12 -2.60
C THR B 81 2.36 -12.66 -2.68
N HIS B 82 3.36 -11.85 -2.31
CA HIS B 82 4.74 -12.36 -2.24
C HIS B 82 4.87 -13.42 -1.16
N VAL B 83 4.24 -13.22 -0.01
CA VAL B 83 4.27 -14.27 1.03
C VAL B 83 3.68 -15.57 0.50
N LEU B 84 2.53 -15.49 -0.19
CA LEU B 84 1.91 -16.70 -0.72
C LEU B 84 2.81 -17.39 -1.74
N GLN B 85 3.50 -16.61 -2.58
CA GLN B 85 4.43 -17.20 -3.54
C GLN B 85 5.60 -17.88 -2.84
N LEU B 86 6.11 -17.27 -1.77
CA LEU B 86 7.16 -17.91 -0.99
C LEU B 86 6.69 -19.24 -0.42
N ARG B 87 5.45 -19.28 0.09
CA ARG B 87 4.94 -20.51 0.68
C ARG B 87 4.84 -21.63 -0.36
N GLN B 88 4.45 -21.28 -1.59
CA GLN B 88 4.32 -22.32 -2.61
C GLN B 88 5.68 -22.86 -3.04
N LYS B 89 6.67 -21.98 -3.16
CA LYS B 89 8.01 -22.38 -3.58
C LYS B 89 8.81 -23.06 -2.48
N LEU B 90 8.47 -22.82 -1.21
CA LEU B 90 9.19 -23.41 -0.08
C LEU B 90 8.16 -24.12 0.79
N PRO B 91 7.77 -25.34 0.43
CA PRO B 91 6.63 -26.00 1.08
C PRO B 91 6.88 -26.21 2.57
N GLY B 92 5.99 -25.64 3.38
CA GLY B 92 6.08 -25.76 4.82
C GLY B 92 6.88 -24.66 5.47
N LEU B 93 7.33 -23.66 4.70
CA LEU B 93 8.02 -22.50 5.23
C LEU B 93 7.26 -21.93 6.41
N GLU B 94 7.95 -21.74 7.53
CA GLU B 94 7.27 -21.39 8.78
C GLU B 94 7.12 -19.87 8.92
N ILE B 95 6.45 -19.28 7.95
CA ILE B 95 5.95 -17.90 8.06
C ILE B 95 4.55 -17.98 8.65
N GLU B 96 4.36 -17.35 9.80
CA GLU B 96 3.06 -17.36 10.47
C GLU B 96 2.29 -16.09 10.11
N THR B 97 1.02 -16.26 9.79
CA THR B 97 0.12 -15.16 9.52
C THR B 97 -0.51 -14.68 10.82
N LEU B 98 -0.43 -13.38 11.07
CA LEU B 98 -1.22 -12.74 12.11
C LEU B 98 -2.28 -11.94 11.39
N ARG B 99 -3.47 -12.52 11.24
CA ARG B 99 -4.52 -11.87 10.48
C ARG B 99 -4.85 -10.53 11.08
N GLY B 100 -4.97 -9.52 10.22
CA GLY B 100 -5.20 -8.16 10.64
C GLY B 100 -3.97 -7.42 11.11
N VAL B 101 -2.79 -8.05 11.06
CA VAL B 101 -1.56 -7.47 11.60
C VAL B 101 -0.42 -7.58 10.60
N GLY B 102 -0.01 -8.79 10.28
CA GLY B 102 1.16 -8.96 9.43
C GLY B 102 1.71 -10.36 9.49
N TYR B 103 3.04 -10.49 9.52
CA TYR B 103 3.70 -11.77 9.32
C TYR B 103 4.90 -11.91 10.25
N LYS B 104 5.21 -13.16 10.60
CA LYS B 104 6.41 -13.46 11.36
C LYS B 104 6.98 -14.79 10.86
N MET B 105 8.30 -14.90 10.82
CA MET B 105 8.92 -16.19 10.55
C MET B 105 9.27 -16.85 11.88
N LYS B 106 8.74 -18.05 12.10
CA LYS B 106 8.89 -18.75 13.37
C LYS B 106 10.32 -19.21 13.60
#